data_9FK2
#
_entry.id   9FK2
#
_cell.length_a   89.269
_cell.length_b   61.524
_cell.length_c   110.338
_cell.angle_alpha   90.000
_cell.angle_beta   105.495
_cell.angle_gamma   90.000
#
_symmetry.space_group_name_H-M   'I 1 2 1'
#
loop_
_entity.id
_entity.type
_entity.pdbx_description
1 polymer Endo-1,4-beta-xylanase
2 branched beta-D-xylopyranose-(1-4)-1-fluoro-D-xylopyranose
3 non-polymer 'ZINC ION'
4 non-polymer 'CHLORIDE ION'
5 water water
#
_entity_poly.entity_id   1
_entity_poly.type   'polypeptide(L)'
_entity_poly.pdbx_seq_one_letter_code
;KNADSYAKKPHISALNAPQLDQRYKNEFTIGAAVEPYQLQNEKDVQMLKRHFNSIVAENVMKPISIQPEEGKFNFEQADR
IVKFAKANGMDIRFHTLVWHSQVPQWFFLDKEGKPMVNETDPVKREQNKQLLLKRLETHIKTIVERYKDDIKYWDVVNEV
VGDDGKLRNSPWYQIAGIDYIKVAFQAARKYGGDNIKLYMNDYNTEVEPKRTALYNLVKQLKEEGVPIDGIGHQSHIQIG
WPSEAEIEKTINMFAALGLDNQITGLDVSMYGWPPRAYPTYDAIPKQKFLDQAARYDRLFKLYEKLSDKISNVTFWGIAD
NHTWLDSRADVYYDANGNVVVDPNAPYAKVEKGKGKDAPFVFGPDYKVKPAYWAIIDHK
;
_entity_poly.pdbx_strand_id   A
#
loop_
_chem_comp.id
_chem_comp.type
_chem_comp.name
_chem_comp.formula
A1ID6 D-saccharide 1-fluoro-D-xylopyranose 'C5 H9 F O4'
CL non-polymer 'CHLORIDE ION' 'Cl -1'
XYP D-saccharide, beta linking beta-D-xylopyranose 'C5 H10 O5'
ZN non-polymer 'ZINC ION' 'Zn 2'
#
# COMPACT_ATOMS: atom_id res chain seq x y z
N TYR A 6 3.65 25.31 8.64
CA TYR A 6 4.23 26.63 8.35
C TYR A 6 5.64 26.54 7.76
N ALA A 7 6.00 27.52 6.93
CA ALA A 7 7.34 27.58 6.37
C ALA A 7 8.34 28.32 7.27
N LYS A 8 7.86 29.00 8.31
CA LYS A 8 8.77 29.57 9.32
C LYS A 8 9.49 28.47 10.09
N LYS A 9 8.87 27.31 10.25
CA LYS A 9 9.39 26.31 11.15
C LYS A 9 10.64 25.65 10.55
N PRO A 10 11.64 25.37 11.37
CA PRO A 10 12.96 25.06 10.84
C PRO A 10 13.09 23.62 10.31
N HIS A 11 14.10 23.46 9.46
CA HIS A 11 14.46 22.19 8.81
C HIS A 11 15.38 21.38 9.73
N ILE A 12 14.84 21.00 10.89
CA ILE A 12 15.64 20.28 11.88
C ILE A 12 15.64 18.80 11.58
N SER A 13 16.60 18.10 12.18
CA SER A 13 16.64 16.64 12.11
C SER A 13 15.36 16.03 12.64
N ALA A 14 14.81 15.08 11.88
CA ALA A 14 13.62 14.38 12.33
C ALA A 14 13.87 13.57 13.60
N LEU A 15 15.13 13.22 13.90
CA LEU A 15 15.43 12.51 15.14
C LEU A 15 15.35 13.41 16.37
N ASN A 16 15.24 14.71 16.18
CA ASN A 16 15.07 15.67 17.26
C ASN A 16 13.68 16.28 17.25
N ALA A 17 12.83 15.89 16.33
CA ALA A 17 11.52 16.48 16.17
C ALA A 17 10.48 15.73 17.02
N PRO A 18 9.41 16.43 17.40
CA PRO A 18 8.31 15.77 18.11
C PRO A 18 7.81 14.54 17.37
N GLN A 19 7.46 13.50 18.14
CA GLN A 19 7.16 12.19 17.57
C GLN A 19 5.81 12.17 16.86
N LEU A 20 5.83 11.70 15.60
CA LEU A 20 4.64 11.73 14.77
C LEU A 20 3.56 10.77 15.28
N ASP A 21 3.94 9.55 15.69
CA ASP A 21 2.96 8.60 16.21
C ASP A 21 2.33 9.10 17.51
N GLN A 22 3.09 9.80 18.35
CA GLN A 22 2.54 10.27 19.62
C GLN A 22 1.54 11.40 19.40
N ARG A 23 1.74 12.19 18.33
CA ARG A 23 0.78 13.23 18.00
C ARG A 23 -0.58 12.63 17.64
N TYR A 24 -0.59 11.46 17.01
CA TYR A 24 -1.83 10.87 16.50
C TYR A 24 -2.31 9.66 17.29
N LYS A 25 -1.70 9.38 18.45
CA LYS A 25 -1.86 8.08 19.09
C LYS A 25 -3.30 7.81 19.54
N ASN A 26 -4.13 8.84 19.76
CA ASN A 26 -5.52 8.56 20.08
C ASN A 26 -6.42 8.52 18.85
N GLU A 27 -5.89 8.90 17.69
CA GLU A 27 -6.64 8.97 16.44
C GLU A 27 -6.43 7.74 15.56
N PHE A 28 -5.17 7.32 15.36
CA PHE A 28 -4.80 6.16 14.55
C PHE A 28 -3.31 5.93 14.70
N THR A 29 -2.87 4.69 14.45
CA THR A 29 -1.45 4.42 14.41
C THR A 29 -0.83 5.06 13.17
N ILE A 30 0.49 5.29 13.24
CA ILE A 30 1.28 5.89 12.16
C ILE A 30 2.28 4.84 11.72
N GLY A 31 2.16 4.36 10.48
CA GLY A 31 2.97 3.28 9.98
C GLY A 31 3.90 3.69 8.84
N ALA A 32 4.83 2.78 8.53
CA ALA A 32 5.77 2.94 7.43
C ALA A 32 6.03 1.59 6.78
N ALA A 33 6.21 1.60 5.45
CA ALA A 33 6.60 0.44 4.68
C ALA A 33 8.12 0.36 4.63
N VAL A 34 8.68 -0.82 4.92
CA VAL A 34 10.11 -0.98 5.06
C VAL A 34 10.62 -2.24 4.35
N GLU A 35 11.91 -2.22 4.04
CA GLU A 35 12.78 -3.27 3.54
C GLU A 35 13.72 -3.72 4.66
N PRO A 36 14.07 -5.00 4.73
CA PRO A 36 14.97 -5.43 5.83
C PRO A 36 16.28 -4.68 5.87
N TYR A 37 16.89 -4.35 4.72
CA TYR A 37 18.13 -3.60 4.76
C TYR A 37 17.99 -2.31 5.57
N GLN A 38 16.80 -1.70 5.58
CA GLN A 38 16.62 -0.47 6.35
C GLN A 38 16.73 -0.71 7.86
N LEU A 39 16.49 -1.93 8.32
CA LEU A 39 16.68 -2.24 9.74
C LEU A 39 18.15 -2.35 10.12
N GLN A 40 19.04 -2.27 9.15
CA GLN A 40 20.47 -2.22 9.39
C GLN A 40 21.02 -0.80 9.22
N ASN A 41 20.19 0.14 8.75
CA ASN A 41 20.57 1.54 8.63
CA ASN A 41 20.56 1.55 8.61
C ASN A 41 20.24 2.26 9.92
N GLU A 42 21.26 2.90 10.52
CA GLU A 42 21.06 3.54 11.81
C GLU A 42 19.95 4.59 11.75
N LYS A 43 19.97 5.45 10.72
CA LYS A 43 18.99 6.54 10.63
C LYS A 43 17.57 5.99 10.49
N ASP A 44 17.37 5.02 9.57
CA ASP A 44 16.05 4.41 9.41
C ASP A 44 15.56 3.74 10.69
N VAL A 45 16.45 3.04 11.39
CA VAL A 45 16.08 2.44 12.69
C VAL A 45 15.63 3.53 13.65
N GLN A 46 16.42 4.61 13.75
CA GLN A 46 16.07 5.71 14.65
C GLN A 46 14.74 6.34 14.22
N MET A 47 14.55 6.55 12.92
CA MET A 47 13.28 7.07 12.43
C MET A 47 12.11 6.19 12.82
N LEU A 48 12.25 4.87 12.65
CA LEU A 48 11.15 3.96 12.99
C LEU A 48 10.88 3.97 14.49
N LYS A 49 11.94 3.90 15.31
CA LYS A 49 11.77 3.94 16.75
C LYS A 49 11.12 5.24 17.19
N ARG A 50 11.53 6.36 16.60
CA ARG A 50 11.06 7.67 17.07
C ARG A 50 9.63 7.99 16.62
N HIS A 51 9.26 7.68 15.37
CA HIS A 51 8.08 8.30 14.78
C HIS A 51 6.93 7.38 14.43
N PHE A 52 7.13 6.06 14.43
CA PHE A 52 6.15 5.13 13.90
C PHE A 52 5.81 4.10 14.95
N ASN A 53 4.55 3.66 14.95
CA ASN A 53 4.14 2.58 15.86
C ASN A 53 3.42 1.47 15.11
N SER A 54 3.61 1.40 13.80
CA SER A 54 3.03 0.38 12.94
C SER A 54 4.00 0.20 11.79
N ILE A 55 4.04 -1.03 11.24
CA ILE A 55 5.02 -1.36 10.20
C ILE A 55 4.39 -2.33 9.21
N VAL A 56 4.88 -2.27 7.97
CA VAL A 56 4.46 -3.16 6.90
C VAL A 56 5.70 -3.40 6.03
N ALA A 57 5.76 -4.58 5.41
CA ALA A 57 6.85 -4.91 4.49
C ALA A 57 6.54 -4.36 3.11
N GLU A 58 7.45 -3.53 2.59
CA GLU A 58 7.30 -3.03 1.25
C GLU A 58 7.24 -4.16 0.23
N ASN A 59 8.00 -5.25 0.45
CA ASN A 59 8.14 -6.28 -0.58
C ASN A 59 8.27 -7.70 -0.06
N VAL A 60 8.90 -7.94 1.11
CA VAL A 60 9.35 -9.31 1.39
C VAL A 60 8.25 -10.23 1.91
N MET A 61 7.02 -9.73 2.08
CA MET A 61 5.91 -10.61 2.43
C MET A 61 4.95 -10.82 1.26
N LYS A 62 5.32 -10.38 0.06
CA LYS A 62 4.51 -10.61 -1.13
C LYS A 62 4.59 -12.07 -1.57
N PRO A 63 3.59 -12.57 -2.32
CA PRO A 63 3.56 -14.00 -2.64
C PRO A 63 4.84 -14.54 -3.24
N ILE A 64 5.45 -13.82 -4.19
CA ILE A 64 6.64 -14.35 -4.83
C ILE A 64 7.85 -14.31 -3.90
N SER A 65 7.84 -13.45 -2.87
CA SER A 65 8.95 -13.41 -1.91
C SER A 65 8.84 -14.53 -0.88
N ILE A 66 7.62 -14.93 -0.54
CA ILE A 66 7.38 -15.96 0.47
C ILE A 66 7.45 -17.36 -0.12
N GLN A 67 6.77 -17.63 -1.24
CA GLN A 67 6.80 -18.97 -1.84
C GLN A 67 7.16 -18.90 -3.32
N PRO A 68 8.43 -18.62 -3.64
CA PRO A 68 8.79 -18.44 -5.06
C PRO A 68 8.72 -19.72 -5.86
N GLU A 69 8.92 -20.87 -5.23
CA GLU A 69 8.65 -22.17 -5.81
C GLU A 69 7.71 -22.90 -4.88
N GLU A 70 6.84 -23.74 -5.43
CA GLU A 70 5.90 -24.47 -4.59
C GLU A 70 6.65 -25.33 -3.58
N GLY A 71 6.35 -25.13 -2.31
CA GLY A 71 7.02 -25.84 -1.25
C GLY A 71 8.25 -25.16 -0.69
N LYS A 72 8.77 -24.12 -1.36
CA LYS A 72 9.94 -23.38 -0.88
C LYS A 72 9.43 -22.08 -0.27
N PHE A 73 9.36 -22.06 1.06
CA PHE A 73 8.94 -20.88 1.80
C PHE A 73 10.17 -20.15 2.33
N ASN A 74 10.26 -18.85 2.04
CA ASN A 74 11.35 -18.01 2.51
C ASN A 74 10.76 -16.97 3.48
N PHE A 75 10.73 -17.32 4.77
CA PHE A 75 10.28 -16.39 5.81
C PHE A 75 11.41 -15.60 6.44
N GLU A 76 12.68 -15.89 6.10
CA GLU A 76 13.82 -15.19 6.73
C GLU A 76 13.66 -13.68 6.74
N GLN A 77 13.28 -13.10 5.59
CA GLN A 77 13.25 -11.64 5.50
C GLN A 77 12.05 -11.09 6.24
N ALA A 78 10.89 -11.72 6.06
CA ALA A 78 9.70 -11.34 6.81
C ALA A 78 9.95 -11.44 8.31
N ASP A 79 10.63 -12.50 8.75
CA ASP A 79 10.91 -12.67 10.17
C ASP A 79 11.64 -11.46 10.74
N ARG A 80 12.56 -10.88 9.96
CA ARG A 80 13.34 -9.76 10.45
C ARG A 80 12.44 -8.56 10.74
N ILE A 81 11.45 -8.32 9.88
CA ILE A 81 10.53 -7.22 10.11
C ILE A 81 9.65 -7.49 11.32
N VAL A 82 9.15 -8.73 11.45
CA VAL A 82 8.32 -9.10 12.60
C VAL A 82 9.10 -8.94 13.90
N LYS A 83 10.35 -9.42 13.93
CA LYS A 83 11.13 -9.32 15.15
C LYS A 83 11.39 -7.88 15.55
N PHE A 84 11.68 -7.02 14.58
CA PHE A 84 11.94 -5.62 14.88
C PHE A 84 10.69 -4.95 15.45
N ALA A 85 9.54 -5.20 14.81
CA ALA A 85 8.27 -4.67 15.30
C ALA A 85 8.03 -5.09 16.74
N LYS A 86 8.09 -6.40 17.02
CA LYS A 86 7.83 -6.86 18.38
C LYS A 86 8.78 -6.21 19.37
N ALA A 87 10.07 -6.15 19.04
CA ALA A 87 11.03 -5.52 19.94
C ALA A 87 10.72 -4.04 20.16
N ASN A 88 9.93 -3.39 19.29
CA ASN A 88 9.66 -1.96 19.45
C ASN A 88 8.18 -1.66 19.65
N GLY A 89 7.36 -2.67 19.93
CA GLY A 89 5.96 -2.41 20.23
C GLY A 89 5.15 -1.87 19.06
N MET A 90 5.46 -2.32 17.84
CA MET A 90 4.80 -1.84 16.63
C MET A 90 3.72 -2.82 16.19
N ASP A 91 2.57 -2.29 15.76
CA ASP A 91 1.65 -3.08 14.98
C ASP A 91 2.34 -3.56 13.69
N ILE A 92 1.88 -4.69 13.18
CA ILE A 92 2.35 -5.23 11.90
C ILE A 92 1.13 -5.41 11.00
N ARG A 93 1.26 -4.93 9.75
CA ARG A 93 0.34 -5.33 8.68
C ARG A 93 1.03 -6.33 7.77
N PHE A 94 0.31 -7.36 7.34
CA PHE A 94 0.86 -8.30 6.36
C PHE A 94 0.47 -7.90 4.95
N HIS A 95 1.46 -7.54 4.13
CA HIS A 95 1.24 -7.17 2.72
C HIS A 95 2.04 -8.13 1.85
N THR A 96 1.37 -9.03 1.12
CA THR A 96 -0.08 -9.26 1.05
C THR A 96 -0.27 -10.74 0.65
N LEU A 97 -1.43 -11.33 0.97
CA LEU A 97 -1.59 -12.75 0.73
C LEU A 97 -1.80 -13.06 -0.75
N VAL A 98 -2.50 -12.19 -1.47
CA VAL A 98 -2.95 -12.47 -2.84
C VAL A 98 -2.82 -11.21 -3.66
N TRP A 99 -2.18 -11.33 -4.83
CA TRP A 99 -1.97 -10.20 -5.73
C TRP A 99 -1.68 -10.74 -7.13
N HIS A 100 -2.05 -9.95 -8.14
CA HIS A 100 -1.78 -10.34 -9.52
C HIS A 100 -0.37 -9.93 -9.96
N SER A 101 0.36 -9.23 -9.11
CA SER A 101 1.73 -8.81 -9.35
C SER A 101 2.62 -9.40 -8.28
N GLN A 102 3.91 -9.50 -8.59
CA GLN A 102 4.89 -10.12 -7.69
C GLN A 102 4.31 -11.41 -7.09
N VAL A 103 3.85 -12.27 -7.98
CA VAL A 103 3.20 -13.52 -7.64
C VAL A 103 3.86 -14.60 -8.49
N PRO A 104 4.25 -15.75 -7.92
CA PRO A 104 5.00 -16.73 -8.70
C PRO A 104 4.12 -17.38 -9.75
N GLN A 105 4.68 -17.57 -10.95
CA GLN A 105 3.92 -18.15 -12.05
C GLN A 105 3.50 -19.60 -11.80
N TRP A 106 4.23 -20.34 -10.95
CA TRP A 106 3.88 -21.76 -10.77
C TRP A 106 2.45 -21.93 -10.31
N PHE A 107 1.89 -20.93 -9.62
CA PHE A 107 0.49 -20.99 -9.18
C PHE A 107 -0.44 -21.40 -10.30
N PHE A 108 -0.18 -20.90 -11.51
CA PHE A 108 -1.19 -20.92 -12.56
C PHE A 108 -0.86 -21.91 -13.67
N LEU A 109 0.00 -22.87 -13.39
CA LEU A 109 0.35 -23.94 -14.34
C LEU A 109 -0.39 -25.21 -13.97
N ASP A 110 -0.91 -25.91 -14.97
CA ASP A 110 -1.66 -27.14 -14.72
C ASP A 110 -0.68 -28.30 -14.52
N LYS A 111 -1.23 -29.52 -14.43
CA LYS A 111 -0.41 -30.67 -14.07
C LYS A 111 0.66 -30.96 -15.12
N GLU A 112 0.42 -30.61 -16.37
CA GLU A 112 1.40 -30.80 -17.43
C GLU A 112 2.28 -29.57 -17.62
N GLY A 113 2.24 -28.61 -16.70
CA GLY A 113 3.05 -27.42 -16.80
C GLY A 113 2.52 -26.37 -17.75
N LYS A 114 1.31 -26.56 -18.30
CA LYS A 114 0.82 -25.55 -19.23
C LYS A 114 0.04 -24.47 -18.49
N PRO A 115 -0.02 -23.25 -19.03
CA PRO A 115 -0.81 -22.19 -18.39
C PRO A 115 -2.27 -22.60 -18.29
N MET A 116 -2.83 -22.48 -17.08
CA MET A 116 -4.24 -22.81 -16.88
C MET A 116 -5.16 -21.93 -17.72
N VAL A 117 -4.76 -20.67 -17.99
CA VAL A 117 -5.66 -19.77 -18.73
C VAL A 117 -5.92 -20.28 -20.14
N ASN A 118 -4.97 -21.03 -20.71
CA ASN A 118 -5.09 -21.55 -22.06
C ASN A 118 -6.08 -22.71 -22.19
N GLU A 119 -6.51 -23.30 -21.08
CA GLU A 119 -7.30 -24.52 -21.13
C GLU A 119 -8.73 -24.24 -21.59
N THR A 120 -9.19 -25.00 -22.58
CA THR A 120 -10.52 -24.83 -23.16
C THR A 120 -11.54 -25.87 -22.70
N ASP A 121 -11.10 -27.05 -22.30
CA ASP A 121 -12.04 -28.09 -21.86
C ASP A 121 -12.68 -27.69 -20.53
N PRO A 122 -14.02 -27.69 -20.45
CA PRO A 122 -14.66 -27.22 -19.21
C PRO A 122 -14.38 -28.11 -18.01
N VAL A 123 -14.23 -29.43 -18.19
CA VAL A 123 -13.94 -30.31 -17.06
C VAL A 123 -12.51 -30.06 -16.56
N LYS A 124 -11.56 -29.87 -17.48
CA LYS A 124 -10.19 -29.53 -17.07
C LYS A 124 -10.14 -28.14 -16.46
N ARG A 125 -10.92 -27.20 -16.99
CA ARG A 125 -10.97 -25.86 -16.40
C ARG A 125 -11.40 -25.94 -14.95
N GLU A 126 -12.42 -26.75 -14.65
CA GLU A 126 -12.87 -26.86 -13.28
C GLU A 126 -11.82 -27.52 -12.40
N GLN A 127 -11.12 -28.53 -12.94
CA GLN A 127 -10.01 -29.12 -12.18
C GLN A 127 -8.94 -28.09 -11.88
N ASN A 128 -8.63 -27.22 -12.84
CA ASN A 128 -7.63 -26.19 -12.62
C ASN A 128 -8.08 -25.22 -11.55
N LYS A 129 -9.36 -24.88 -11.53
CA LYS A 129 -9.85 -23.98 -10.49
C LYS A 129 -9.61 -24.57 -9.11
N GLN A 130 -9.94 -25.85 -8.94
CA GLN A 130 -9.82 -26.45 -7.63
C GLN A 130 -8.36 -26.62 -7.22
N LEU A 131 -7.49 -26.93 -8.19
CA LEU A 131 -6.07 -27.01 -7.90
C LEU A 131 -5.52 -25.64 -7.51
N LEU A 132 -5.91 -24.59 -8.24
CA LEU A 132 -5.45 -23.25 -7.88
C LEU A 132 -5.94 -22.87 -6.49
N LEU A 133 -7.22 -23.13 -6.20
CA LEU A 133 -7.76 -22.78 -4.90
C LEU A 133 -7.10 -23.57 -3.79
N LYS A 134 -6.69 -24.81 -4.08
CA LYS A 134 -5.96 -25.62 -3.11
C LYS A 134 -4.58 -25.01 -2.83
N ARG A 135 -3.84 -24.68 -3.89
CA ARG A 135 -2.55 -24.00 -3.72
C ARG A 135 -2.71 -22.70 -2.96
N LEU A 136 -3.75 -21.92 -3.28
CA LEU A 136 -4.01 -20.68 -2.57
C LEU A 136 -4.15 -20.93 -1.08
N GLU A 137 -4.96 -21.94 -0.72
CA GLU A 137 -5.21 -22.20 0.69
C GLU A 137 -3.94 -22.65 1.43
N THR A 138 -3.11 -23.46 0.77
CA THR A 138 -1.86 -23.91 1.40
C THR A 138 -0.89 -22.74 1.60
N HIS A 139 -0.85 -21.81 0.65
CA HIS A 139 -0.03 -20.61 0.80
C HIS A 139 -0.49 -19.80 1.99
N ILE A 140 -1.79 -19.51 2.08
CA ILE A 140 -2.32 -18.73 3.19
C ILE A 140 -2.16 -19.48 4.50
N LYS A 141 -2.45 -20.78 4.50
CA LYS A 141 -2.35 -21.58 5.72
C LYS A 141 -0.96 -21.51 6.31
N THR A 142 0.06 -21.74 5.49
CA THR A 142 1.43 -21.78 5.98
C THR A 142 1.84 -20.44 6.56
N ILE A 143 1.47 -19.34 5.89
CA ILE A 143 1.86 -18.02 6.36
C ILE A 143 1.11 -17.67 7.64
N VAL A 144 -0.19 -17.92 7.65
CA VAL A 144 -0.97 -17.47 8.80
C VAL A 144 -0.71 -18.35 10.02
N GLU A 145 -0.47 -19.64 9.80
CA GLU A 145 -0.09 -20.50 10.92
C GLU A 145 1.20 -20.00 11.59
N ARG A 146 2.11 -19.40 10.82
CA ARG A 146 3.35 -18.93 11.41
C ARG A 146 3.18 -17.57 12.12
N TYR A 147 2.33 -16.68 11.59
CA TYR A 147 2.33 -15.28 12.02
C TYR A 147 1.06 -14.83 12.75
N LYS A 148 0.10 -15.73 12.99
CA LYS A 148 -1.20 -15.29 13.49
C LYS A 148 -1.12 -14.64 14.87
N ASP A 149 -0.12 -14.99 15.68
CA ASP A 149 0.02 -14.44 17.01
C ASP A 149 0.78 -13.12 17.03
N ASP A 150 1.45 -12.75 15.94
CA ASP A 150 2.26 -11.55 15.88
C ASP A 150 1.69 -10.45 14.98
N ILE A 151 0.92 -10.80 13.97
CA ILE A 151 0.50 -9.84 12.95
C ILE A 151 -1.00 -9.67 13.05
N LYS A 152 -1.42 -8.45 13.37
CA LYS A 152 -2.84 -8.19 13.63
C LYS A 152 -3.63 -7.88 12.37
N TYR A 153 -3.05 -7.17 11.40
CA TYR A 153 -3.77 -6.66 10.24
C TYR A 153 -3.25 -7.33 8.97
N TRP A 154 -4.16 -7.77 8.11
CA TRP A 154 -3.78 -8.56 6.94
C TRP A 154 -4.39 -7.97 5.67
N ASP A 155 -3.53 -7.58 4.71
CA ASP A 155 -3.99 -7.40 3.33
C ASP A 155 -4.26 -8.77 2.73
N VAL A 156 -5.47 -9.29 2.87
CA VAL A 156 -5.75 -10.63 2.36
C VAL A 156 -5.69 -10.63 0.84
N VAL A 157 -6.33 -9.65 0.19
CA VAL A 157 -6.21 -9.52 -1.25
C VAL A 157 -5.84 -8.08 -1.59
N ASN A 158 -5.13 -7.91 -2.71
CA ASN A 158 -4.65 -6.62 -3.17
C ASN A 158 -5.10 -6.39 -4.62
N GLU A 159 -5.72 -5.24 -4.87
CA GLU A 159 -6.01 -4.78 -6.23
C GLU A 159 -6.84 -5.77 -7.06
N VAL A 160 -7.93 -6.29 -6.47
CA VAL A 160 -8.73 -7.29 -7.17
C VAL A 160 -9.87 -6.67 -7.97
N VAL A 161 -10.06 -5.36 -7.91
CA VAL A 161 -11.09 -4.67 -8.67
C VAL A 161 -10.39 -3.87 -9.76
N GLY A 162 -10.89 -3.98 -11.00
CA GLY A 162 -10.32 -3.23 -12.09
C GLY A 162 -10.65 -1.75 -12.00
N ASP A 163 -9.83 -0.93 -12.65
CA ASP A 163 -10.13 0.48 -12.77
C ASP A 163 -11.38 0.75 -13.62
N ASP A 164 -11.80 -0.23 -14.44
CA ASP A 164 -13.01 -0.15 -15.24
C ASP A 164 -14.26 -0.53 -14.47
N GLY A 165 -14.14 -0.76 -13.17
CA GLY A 165 -15.30 -1.11 -12.37
C GLY A 165 -15.73 -2.55 -12.51
N LYS A 166 -14.97 -3.37 -13.24
CA LYS A 166 -15.15 -4.81 -13.26
C LYS A 166 -14.08 -5.45 -12.40
N LEU A 167 -14.32 -6.71 -12.00
CA LEU A 167 -13.27 -7.43 -11.30
C LEU A 167 -12.05 -7.52 -12.21
N ARG A 168 -10.87 -7.33 -11.64
CA ARG A 168 -9.66 -7.41 -12.43
C ARG A 168 -9.53 -8.82 -13.00
N ASN A 169 -9.24 -8.90 -14.30
CA ASN A 169 -9.23 -10.18 -15.01
C ASN A 169 -7.85 -10.81 -14.97
N SER A 170 -7.31 -10.92 -13.76
CA SER A 170 -6.04 -11.57 -13.54
C SER A 170 -6.16 -13.07 -13.79
N PRO A 171 -5.03 -13.77 -13.88
CA PRO A 171 -5.10 -15.24 -13.86
C PRO A 171 -5.91 -15.79 -12.69
N TRP A 172 -5.81 -15.18 -11.49
CA TRP A 172 -6.66 -15.58 -10.37
C TRP A 172 -8.13 -15.61 -10.78
N TYR A 173 -8.59 -14.56 -11.45
CA TYR A 173 -10.00 -14.47 -11.78
C TYR A 173 -10.35 -15.30 -13.00
N GLN A 174 -9.49 -15.31 -14.02
CA GLN A 174 -9.74 -16.13 -15.19
C GLN A 174 -9.85 -17.60 -14.83
N ILE A 175 -9.03 -18.06 -13.91
CA ILE A 175 -8.98 -19.49 -13.62
C ILE A 175 -10.03 -19.89 -12.61
N ALA A 176 -10.28 -19.05 -11.59
CA ALA A 176 -11.08 -19.43 -10.44
C ALA A 176 -12.32 -18.59 -10.23
N GLY A 177 -12.50 -17.49 -10.97
CA GLY A 177 -13.65 -16.64 -10.72
C GLY A 177 -13.55 -15.94 -9.37
N ILE A 178 -14.70 -15.41 -8.92
CA ILE A 178 -14.75 -14.67 -7.67
C ILE A 178 -14.37 -15.53 -6.46
N ASP A 179 -14.40 -16.86 -6.61
CA ASP A 179 -14.14 -17.72 -5.46
C ASP A 179 -12.72 -17.57 -4.91
N TYR A 180 -11.74 -17.12 -5.72
CA TYR A 180 -10.40 -16.96 -5.17
C TYR A 180 -10.40 -15.88 -4.09
N ILE A 181 -11.26 -14.88 -4.24
CA ILE A 181 -11.38 -13.86 -3.21
C ILE A 181 -12.02 -14.44 -1.96
N LYS A 182 -13.12 -15.19 -2.14
CA LYS A 182 -13.80 -15.81 -1.00
C LYS A 182 -12.88 -16.78 -0.29
N VAL A 183 -12.17 -17.62 -1.04
CA VAL A 183 -11.29 -18.62 -0.43
C VAL A 183 -10.18 -17.93 0.35
N ALA A 184 -9.65 -16.83 -0.18
CA ALA A 184 -8.54 -16.17 0.48
C ALA A 184 -8.94 -15.67 1.87
N PHE A 185 -10.12 -15.08 1.98
CA PHE A 185 -10.57 -14.59 3.29
C PHE A 185 -10.98 -15.74 4.21
N GLN A 186 -11.71 -16.72 3.69
CA GLN A 186 -12.13 -17.84 4.53
CA GLN A 186 -12.13 -17.85 4.51
C GLN A 186 -10.92 -18.60 5.06
N ALA A 187 -9.89 -18.78 4.24
CA ALA A 187 -8.69 -19.46 4.70
C ALA A 187 -7.95 -18.64 5.77
N ALA A 188 -7.83 -17.33 5.58
CA ALA A 188 -7.14 -16.52 6.59
C ALA A 188 -7.88 -16.57 7.93
N ARG A 189 -9.21 -16.48 7.88
CA ARG A 189 -9.98 -16.57 9.13
C ARG A 189 -9.81 -17.92 9.78
N LYS A 190 -9.84 -19.00 8.99
CA LYS A 190 -9.86 -20.33 9.58
C LYS A 190 -8.54 -20.63 10.29
N TYR A 191 -7.42 -20.25 9.68
CA TYR A 191 -6.12 -20.57 10.25
C TYR A 191 -5.59 -19.49 11.18
N GLY A 192 -6.13 -18.27 11.10
CA GLY A 192 -5.65 -17.19 11.94
C GLY A 192 -6.49 -16.93 13.17
N GLY A 193 -7.75 -17.36 13.16
CA GLY A 193 -8.66 -17.11 14.26
C GLY A 193 -9.39 -15.79 14.12
N ASP A 194 -10.23 -15.51 15.11
CA ASP A 194 -11.11 -14.35 15.11
C ASP A 194 -10.40 -13.05 15.42
N ASN A 195 -9.17 -13.12 15.94
CA ASN A 195 -8.50 -11.93 16.44
C ASN A 195 -7.68 -11.19 15.38
N ILE A 196 -7.36 -11.81 14.23
CA ILE A 196 -6.69 -11.06 13.18
C ILE A 196 -7.73 -10.33 12.33
N LYS A 197 -7.34 -9.18 11.78
CA LYS A 197 -8.25 -8.34 11.03
C LYS A 197 -7.92 -8.43 9.55
N LEU A 198 -8.95 -8.71 8.73
CA LEU A 198 -8.79 -9.05 7.32
C LEU A 198 -9.25 -7.89 6.45
N TYR A 199 -8.40 -7.49 5.50
CA TYR A 199 -8.62 -6.29 4.69
C TYR A 199 -8.56 -6.61 3.20
N MET A 200 -9.34 -5.84 2.43
CA MET A 200 -9.23 -5.79 0.99
C MET A 200 -8.58 -4.45 0.65
N ASN A 201 -7.44 -4.51 -0.06
CA ASN A 201 -6.56 -3.36 -0.28
C ASN A 201 -6.56 -2.99 -1.76
N ASP A 202 -6.53 -1.68 -2.04
CA ASP A 202 -6.58 -1.25 -3.43
C ASP A 202 -6.18 0.22 -3.54
N TYR A 203 -5.82 0.62 -4.76
CA TYR A 203 -5.55 2.03 -5.06
C TYR A 203 -6.76 2.62 -5.75
N ASN A 204 -6.85 3.95 -5.73
CA ASN A 204 -7.97 4.67 -6.36
C ASN A 204 -9.32 4.17 -5.83
N THR A 205 -9.35 3.82 -4.54
CA THR A 205 -10.61 3.47 -3.91
C THR A 205 -11.61 4.61 -3.91
N GLU A 206 -11.16 5.83 -4.20
CA GLU A 206 -12.00 7.02 -4.23
C GLU A 206 -12.62 7.29 -5.60
N VAL A 207 -12.31 6.48 -6.62
CA VAL A 207 -12.51 6.85 -8.02
C VAL A 207 -13.59 5.96 -8.63
N GLU A 208 -14.63 6.59 -9.20
CA GLU A 208 -15.65 5.88 -9.96
C GLU A 208 -15.13 5.50 -11.34
N PRO A 209 -15.56 4.36 -11.89
CA PRO A 209 -16.50 3.39 -11.30
C PRO A 209 -15.89 2.36 -10.32
N LYS A 210 -14.58 2.43 -10.05
CA LYS A 210 -13.94 1.44 -9.18
C LYS A 210 -14.50 1.49 -7.76
N ARG A 211 -14.74 2.70 -7.22
CA ARG A 211 -15.19 2.82 -5.84
C ARG A 211 -16.45 2.01 -5.57
N THR A 212 -17.52 2.24 -6.35
CA THR A 212 -18.77 1.56 -6.06
C THR A 212 -18.71 0.09 -6.43
N ALA A 213 -17.88 -0.28 -7.41
CA ALA A 213 -17.64 -1.70 -7.67
C ALA A 213 -16.96 -2.37 -6.47
N LEU A 214 -15.97 -1.71 -5.88
CA LEU A 214 -15.40 -2.21 -4.64
C LEU A 214 -16.48 -2.33 -3.56
N TYR A 215 -17.26 -1.26 -3.37
CA TYR A 215 -18.34 -1.26 -2.39
C TYR A 215 -19.31 -2.42 -2.61
N ASN A 216 -19.81 -2.59 -3.85
CA ASN A 216 -20.72 -3.68 -4.12
C ASN A 216 -20.06 -5.03 -3.85
N LEU A 217 -18.80 -5.18 -4.24
CA LEU A 217 -18.09 -6.43 -4.00
C LEU A 217 -18.07 -6.77 -2.52
N VAL A 218 -17.58 -5.86 -1.69
CA VAL A 218 -17.43 -6.18 -0.27
C VAL A 218 -18.79 -6.37 0.38
N LYS A 219 -19.80 -5.61 -0.08
CA LYS A 219 -21.15 -5.76 0.47
C LYS A 219 -21.71 -7.13 0.15
N GLN A 220 -21.53 -7.59 -1.08
CA GLN A 220 -21.97 -8.91 -1.47
C GLN A 220 -21.24 -10.00 -0.68
N LEU A 221 -19.92 -9.88 -0.54
CA LEU A 221 -19.14 -10.91 0.16
C LEU A 221 -19.56 -11.02 1.63
N LYS A 222 -19.72 -9.88 2.30
CA LYS A 222 -20.14 -9.89 3.71
C LYS A 222 -21.52 -10.50 3.86
N GLU A 223 -22.41 -10.28 2.89
CA GLU A 223 -23.74 -10.87 2.94
C GLU A 223 -23.68 -12.38 2.87
N GLU A 224 -22.72 -12.91 2.12
CA GLU A 224 -22.53 -14.35 2.02
C GLU A 224 -21.73 -14.92 3.18
N GLY A 225 -21.38 -14.12 4.19
CA GLY A 225 -20.61 -14.61 5.32
C GLY A 225 -19.11 -14.64 5.14
N VAL A 226 -18.59 -14.13 4.03
CA VAL A 226 -17.14 -14.05 3.86
C VAL A 226 -16.56 -13.11 4.90
N PRO A 227 -15.59 -13.52 5.70
CA PRO A 227 -15.03 -12.63 6.73
C PRO A 227 -14.16 -11.55 6.12
N ILE A 228 -14.59 -10.30 6.26
CA ILE A 228 -13.76 -9.17 5.85
C ILE A 228 -14.04 -7.99 6.78
N ASP A 229 -12.98 -7.51 7.43
CA ASP A 229 -13.12 -6.51 8.48
C ASP A 229 -12.86 -5.08 8.01
N GLY A 230 -12.12 -4.88 6.93
CA GLY A 230 -11.81 -3.50 6.59
C GLY A 230 -11.41 -3.35 5.14
N ILE A 231 -11.26 -2.08 4.75
CA ILE A 231 -10.74 -1.70 3.44
C ILE A 231 -9.41 -0.99 3.64
N GLY A 232 -8.41 -1.36 2.83
CA GLY A 232 -7.16 -0.65 2.77
C GLY A 232 -7.15 0.32 1.61
N HIS A 233 -6.97 1.60 1.92
CA HIS A 233 -6.83 2.64 0.90
C HIS A 233 -5.35 2.89 0.69
N GLN A 234 -4.79 2.41 -0.41
CA GLN A 234 -3.38 2.66 -0.69
C GLN A 234 -3.08 4.15 -0.62
N SER A 235 -3.97 4.99 -1.15
CA SER A 235 -3.81 6.45 -1.15
C SER A 235 -2.50 6.90 -1.81
N HIS A 236 -2.27 6.41 -3.02
CA HIS A 236 -1.19 6.97 -3.84
C HIS A 236 -1.78 8.18 -4.54
N ILE A 237 -1.62 9.35 -3.91
CA ILE A 237 -2.35 10.54 -4.32
C ILE A 237 -1.39 11.66 -4.73
N GLN A 238 -1.99 12.74 -5.20
CA GLN A 238 -1.29 13.90 -5.72
C GLN A 238 -1.61 15.09 -4.85
N ILE A 239 -0.96 16.21 -5.14
CA ILE A 239 -1.21 17.41 -4.36
C ILE A 239 -2.67 17.84 -4.50
N GLY A 240 -3.27 17.64 -5.67
CA GLY A 240 -4.61 18.15 -5.91
C GLY A 240 -5.69 17.13 -6.15
N TRP A 241 -5.32 15.86 -6.33
CA TRP A 241 -6.25 14.79 -6.67
C TRP A 241 -5.90 13.57 -5.84
N PRO A 242 -6.90 12.83 -5.34
CA PRO A 242 -8.32 13.18 -5.34
C PRO A 242 -8.64 14.23 -4.29
N SER A 243 -9.76 14.91 -4.47
CA SER A 243 -10.24 15.93 -3.56
C SER A 243 -10.51 15.37 -2.18
N GLU A 244 -10.31 16.21 -1.16
CA GLU A 244 -10.61 15.79 0.20
C GLU A 244 -12.07 15.38 0.35
N ALA A 245 -12.98 16.08 -0.34
CA ALA A 245 -14.39 15.72 -0.24
C ALA A 245 -14.63 14.31 -0.78
N GLU A 246 -13.93 13.94 -1.86
CA GLU A 246 -14.10 12.59 -2.39
C GLU A 246 -13.42 11.55 -1.50
N ILE A 247 -12.32 11.90 -0.84
CA ILE A 247 -11.72 11.00 0.14
C ILE A 247 -12.69 10.79 1.29
N GLU A 248 -13.28 11.87 1.79
CA GLU A 248 -14.20 11.80 2.91
C GLU A 248 -15.41 10.92 2.58
N LYS A 249 -16.01 11.15 1.42
CA LYS A 249 -17.16 10.37 0.97
C LYS A 249 -16.81 8.88 0.84
N THR A 250 -15.63 8.59 0.29
CA THR A 250 -15.21 7.20 0.17
C THR A 250 -15.11 6.52 1.53
N ILE A 251 -14.52 7.21 2.51
CA ILE A 251 -14.28 6.59 3.80
C ILE A 251 -15.59 6.39 4.56
N ASN A 252 -16.51 7.36 4.47
CA ASN A 252 -17.83 7.19 5.07
C ASN A 252 -18.57 6.03 4.44
N MET A 253 -18.49 5.90 3.13
CA MET A 253 -19.20 4.84 2.41
C MET A 253 -18.84 3.47 2.96
N PHE A 254 -17.55 3.21 3.15
CA PHE A 254 -17.19 1.87 3.62
C PHE A 254 -17.44 1.73 5.12
N ALA A 255 -17.28 2.81 5.89
CA ALA A 255 -17.60 2.74 7.31
C ALA A 255 -19.07 2.41 7.54
N ALA A 256 -19.96 2.85 6.62
CA ALA A 256 -21.38 2.54 6.77
C ALA A 256 -21.67 1.07 6.59
N LEU A 257 -20.80 0.32 5.90
CA LEU A 257 -20.90 -1.13 5.84
C LEU A 257 -20.36 -1.81 7.10
N GLY A 258 -19.97 -1.07 8.11
CA GLY A 258 -19.32 -1.66 9.27
C GLY A 258 -17.87 -2.03 9.05
N LEU A 259 -17.21 -1.47 8.03
CA LEU A 259 -15.82 -1.78 7.75
C LEU A 259 -14.89 -0.75 8.37
N ASP A 260 -13.78 -1.24 8.94
CA ASP A 260 -12.66 -0.38 9.27
C ASP A 260 -12.01 0.14 7.99
N ASN A 261 -11.36 1.30 8.09
CA ASN A 261 -10.56 1.86 7.00
C ASN A 261 -9.12 2.04 7.47
N GLN A 262 -8.16 1.61 6.66
CA GLN A 262 -6.76 1.90 6.92
C GLN A 262 -6.18 2.59 5.69
N ILE A 263 -5.40 3.63 5.93
CA ILE A 263 -4.60 4.27 4.89
C ILE A 263 -3.30 3.48 4.85
N THR A 264 -3.07 2.74 3.77
CA THR A 264 -2.05 1.70 3.81
C THR A 264 -0.76 2.04 3.07
N GLY A 265 -0.79 2.99 2.13
CA GLY A 265 0.40 3.25 1.33
C GLY A 265 0.59 4.72 1.00
N LEU A 266 0.19 5.59 1.92
CA LEU A 266 0.12 7.01 1.61
C LEU A 266 1.45 7.53 1.07
N ASP A 267 1.39 8.19 -0.08
CA ASP A 267 2.42 9.12 -0.51
C ASP A 267 1.76 10.26 -1.27
N VAL A 268 2.31 11.46 -1.14
CA VAL A 268 1.72 12.62 -1.81
C VAL A 268 2.72 13.05 -2.87
N SER A 269 2.50 12.59 -4.11
CA SER A 269 3.49 12.82 -5.14
C SER A 269 3.53 14.30 -5.51
N MET A 270 4.68 14.74 -5.97
CA MET A 270 4.84 16.10 -6.45
C MET A 270 4.25 16.30 -7.84
N TYR A 271 3.87 15.22 -8.52
CA TYR A 271 3.60 15.27 -9.94
C TYR A 271 2.17 14.84 -10.25
N GLY A 272 1.82 14.95 -11.51
CA GLY A 272 0.53 14.51 -12.00
C GLY A 272 0.59 13.08 -12.46
N TRP A 273 -0.26 12.76 -13.41
CA TRP A 273 -0.28 11.44 -14.00
C TRP A 273 -0.57 11.56 -15.49
N PRO A 274 0.30 11.04 -16.37
CA PRO A 274 1.61 10.46 -16.03
C PRO A 274 2.58 11.52 -15.53
N PRO A 275 3.46 11.17 -14.59
CA PRO A 275 4.31 12.20 -13.98
C PRO A 275 5.35 12.71 -14.97
N ARG A 276 5.61 14.01 -14.90
CA ARG A 276 6.76 14.62 -15.56
C ARG A 276 7.64 15.14 -14.43
N ALA A 277 8.66 14.36 -14.10
CA ALA A 277 9.41 14.59 -12.87
C ALA A 277 10.62 15.49 -13.09
N TYR A 278 11.02 16.18 -12.02
CA TYR A 278 12.34 16.77 -12.00
C TYR A 278 13.39 15.66 -11.92
N PRO A 279 14.58 15.88 -12.51
CA PRO A 279 15.58 14.80 -12.52
C PRO A 279 16.26 14.56 -11.17
N THR A 280 16.22 15.54 -10.27
CA THR A 280 16.87 15.43 -8.97
C THR A 280 16.00 16.09 -7.92
N TYR A 281 16.25 15.72 -6.66
CA TYR A 281 15.57 16.37 -5.54
C TYR A 281 15.89 17.86 -5.49
N ASP A 282 17.16 18.22 -5.74
CA ASP A 282 17.57 19.63 -5.69
C ASP A 282 16.79 20.50 -6.66
N ALA A 283 16.34 19.93 -7.79
CA ALA A 283 15.67 20.70 -8.83
C ALA A 283 14.21 21.00 -8.52
N ILE A 284 13.63 20.38 -7.50
CA ILE A 284 12.23 20.59 -7.15
C ILE A 284 12.10 21.98 -6.50
N PRO A 285 11.28 22.88 -7.04
CA PRO A 285 11.16 24.22 -6.44
C PRO A 285 10.55 24.16 -5.05
N LYS A 286 11.05 25.01 -4.16
CA LYS A 286 10.51 25.22 -2.83
C LYS A 286 8.97 25.28 -2.82
N GLN A 287 8.38 26.01 -3.78
CA GLN A 287 6.92 26.18 -3.80
C GLN A 287 6.19 24.84 -3.83
N LYS A 288 6.76 23.83 -4.49
CA LYS A 288 6.16 22.50 -4.50
C LYS A 288 6.03 21.95 -3.08
N PHE A 289 7.00 22.26 -2.22
CA PHE A 289 6.95 21.75 -0.85
C PHE A 289 5.91 22.46 -0.02
N LEU A 290 5.69 23.76 -0.32
CA LEU A 290 4.62 24.50 0.34
C LEU A 290 3.25 24.01 -0.12
N ASP A 291 3.12 23.71 -1.42
CA ASP A 291 1.86 23.17 -1.92
C ASP A 291 1.58 21.81 -1.29
N GLN A 292 2.60 20.97 -1.18
CA GLN A 292 2.45 19.66 -0.56
C GLN A 292 2.09 19.77 0.91
N ALA A 293 2.73 20.69 1.62
CA ALA A 293 2.43 20.86 3.04
C ALA A 293 0.97 21.26 3.25
N ALA A 294 0.44 22.16 2.39
CA ALA A 294 -0.96 22.55 2.53
C ALA A 294 -1.88 21.38 2.20
N ARG A 295 -1.51 20.56 1.21
CA ARG A 295 -2.27 19.33 0.94
C ARG A 295 -2.24 18.40 2.15
N TYR A 296 -1.05 18.19 2.73
CA TYR A 296 -0.93 17.33 3.92
C TYR A 296 -1.69 17.88 5.10
N ASP A 297 -1.65 19.21 5.29
CA ASP A 297 -2.41 19.83 6.36
C ASP A 297 -3.88 19.50 6.23
N ARG A 298 -4.44 19.70 5.03
CA ARG A 298 -5.86 19.41 4.79
C ARG A 298 -6.14 17.92 4.95
N LEU A 299 -5.23 17.08 4.48
CA LEU A 299 -5.51 15.65 4.44
C LEU A 299 -5.58 15.05 5.84
N PHE A 300 -4.67 15.44 6.73
CA PHE A 300 -4.64 14.86 8.06
C PHE A 300 -5.68 15.49 8.97
N LYS A 301 -6.06 16.73 8.72
CA LYS A 301 -7.24 17.28 9.37
C LYS A 301 -8.47 16.44 9.05
N LEU A 302 -8.58 15.99 7.80
CA LEU A 302 -9.70 15.12 7.41
C LEU A 302 -9.59 13.74 8.03
N TYR A 303 -8.38 13.16 8.08
CA TYR A 303 -8.21 11.88 8.78
C TYR A 303 -8.59 12.03 10.25
N GLU A 304 -8.18 13.14 10.89
CA GLU A 304 -8.55 13.34 12.28
C GLU A 304 -10.06 13.46 12.43
N LYS A 305 -10.70 14.22 11.54
CA LYS A 305 -12.16 14.30 11.54
C LYS A 305 -12.80 12.91 11.51
N LEU A 306 -12.25 12.02 10.67
CA LEU A 306 -12.78 10.67 10.50
C LEU A 306 -12.07 9.64 11.36
N SER A 307 -11.43 10.07 12.46
CA SER A 307 -10.57 9.16 13.22
C SER A 307 -11.33 8.00 13.83
N ASP A 308 -12.65 8.11 13.97
CA ASP A 308 -13.39 6.97 14.49
C ASP A 308 -13.65 5.91 13.41
N LYS A 309 -13.33 6.21 12.15
CA LYS A 309 -13.47 5.23 11.09
C LYS A 309 -12.12 4.77 10.53
N ILE A 310 -11.02 5.29 11.04
CA ILE A 310 -9.67 5.00 10.54
C ILE A 310 -8.82 4.54 11.71
N SER A 311 -8.31 3.31 11.65
CA SER A 311 -7.44 2.78 12.69
C SER A 311 -5.94 3.00 12.44
N ASN A 312 -5.53 3.30 11.22
CA ASN A 312 -4.12 3.33 10.88
C ASN A 312 -3.89 4.17 9.65
N VAL A 313 -2.81 4.94 9.65
CA VAL A 313 -2.34 5.67 8.49
C VAL A 313 -0.88 5.27 8.28
N THR A 314 -0.60 4.58 7.20
CA THR A 314 0.73 4.10 6.89
C THR A 314 1.27 4.80 5.65
N PHE A 315 2.48 5.33 5.75
CA PHE A 315 3.19 5.86 4.59
C PHE A 315 3.92 4.74 3.87
N TRP A 316 3.96 4.81 2.54
CA TRP A 316 4.67 3.80 1.78
C TRP A 316 6.16 4.15 1.68
N GLY A 317 6.77 4.32 2.84
CA GLY A 317 8.19 4.58 2.97
C GLY A 317 8.47 5.35 4.24
N ILE A 318 9.75 5.65 4.45
CA ILE A 318 10.19 6.35 5.66
C ILE A 318 10.49 7.82 5.37
N ALA A 319 11.51 8.08 4.54
CA ALA A 319 11.92 9.44 4.20
C ALA A 319 12.18 9.52 2.70
N ASP A 320 12.30 10.76 2.20
CA ASP A 320 12.29 11.00 0.76
C ASP A 320 13.47 10.37 0.01
N ASN A 321 14.52 9.91 0.71
CA ASN A 321 15.61 9.24 -0.01
C ASN A 321 15.19 7.89 -0.58
N HIS A 322 14.01 7.38 -0.25
CA HIS A 322 13.61 6.08 -0.77
C HIS A 322 12.10 6.03 -0.90
N THR A 323 11.63 5.97 -2.14
CA THR A 323 10.22 5.83 -2.43
C THR A 323 10.08 5.13 -3.77
N TRP A 324 9.18 4.15 -3.83
CA TRP A 324 8.84 3.53 -5.12
C TRP A 324 8.35 4.54 -6.15
N LEU A 325 7.94 5.73 -5.73
CA LEU A 325 7.48 6.74 -6.67
C LEU A 325 8.58 7.12 -7.66
N ASP A 326 9.85 7.01 -7.26
CA ASP A 326 10.93 7.34 -8.17
C ASP A 326 10.89 6.49 -9.45
N SER A 327 10.33 5.28 -9.37
CA SER A 327 10.27 4.40 -10.53
C SER A 327 9.23 4.84 -11.56
N ARG A 328 8.29 5.70 -11.14
CA ARG A 328 7.35 6.37 -12.02
C ARG A 328 7.80 7.77 -12.43
N ALA A 329 8.93 8.25 -11.89
CA ALA A 329 9.34 9.65 -12.06
C ALA A 329 10.05 9.84 -13.41
N ASP A 330 9.25 9.83 -14.48
CA ASP A 330 9.80 9.95 -15.83
C ASP A 330 10.21 11.40 -16.09
N VAL A 331 11.40 11.58 -16.66
CA VAL A 331 11.92 12.91 -16.93
C VAL A 331 11.82 13.16 -18.42
N TYR A 332 11.16 14.25 -18.79
CA TYR A 332 10.93 14.61 -20.17
C TYR A 332 11.92 15.69 -20.58
N TYR A 333 12.48 15.57 -21.78
CA TYR A 333 13.48 16.50 -22.30
C TYR A 333 13.04 17.08 -23.63
N ASP A 334 13.14 18.40 -23.78
CA ASP A 334 12.84 19.03 -25.05
C ASP A 334 14.02 18.85 -26.01
N ALA A 335 13.91 19.45 -27.20
CA ALA A 335 14.93 19.26 -28.22
C ALA A 335 16.28 19.83 -27.80
N ASN A 336 16.30 20.86 -26.95
CA ASN A 336 17.55 21.42 -26.45
C ASN A 336 18.08 20.73 -25.20
N GLY A 337 17.51 19.60 -24.80
CA GLY A 337 17.96 18.91 -23.61
C GLY A 337 17.50 19.51 -22.30
N ASN A 338 16.58 20.46 -22.33
CA ASN A 338 16.03 21.01 -21.09
C ASN A 338 14.88 20.17 -20.58
N VAL A 339 14.70 20.18 -19.27
CA VAL A 339 13.67 19.37 -18.62
C VAL A 339 12.31 20.01 -18.84
N VAL A 340 11.31 19.18 -19.15
CA VAL A 340 9.94 19.65 -19.35
C VAL A 340 9.08 19.02 -18.26
N VAL A 341 8.53 19.86 -17.39
CA VAL A 341 7.61 19.40 -16.35
C VAL A 341 6.17 19.81 -16.63
N ASP A 342 5.94 20.77 -17.54
CA ASP A 342 4.59 21.14 -17.95
C ASP A 342 3.90 19.99 -18.66
N PRO A 343 2.79 19.49 -18.15
CA PRO A 343 2.20 18.25 -18.71
C PRO A 343 1.74 18.37 -20.15
N ASN A 344 1.67 19.56 -20.70
CA ASN A 344 1.22 19.72 -22.08
C ASN A 344 2.30 20.21 -23.04
N ALA A 345 3.47 20.56 -22.53
CA ALA A 345 4.47 21.23 -23.33
C ALA A 345 5.14 20.29 -24.32
N PRO A 346 5.76 20.82 -25.37
CA PRO A 346 6.53 19.97 -26.29
C PRO A 346 7.68 19.26 -25.59
N TYR A 347 8.06 18.11 -26.14
CA TYR A 347 9.22 17.39 -25.65
C TYR A 347 9.64 16.41 -26.72
N ALA A 348 10.91 16.03 -26.69
CA ALA A 348 11.49 15.13 -27.67
C ALA A 348 11.72 13.73 -27.14
N LYS A 349 12.15 13.58 -25.88
CA LYS A 349 12.42 12.25 -25.33
C LYS A 349 12.09 12.23 -23.85
N VAL A 350 11.93 11.02 -23.34
CA VAL A 350 11.61 10.79 -21.94
C VAL A 350 12.60 9.77 -21.38
N GLU A 351 13.03 9.98 -20.14
CA GLU A 351 13.88 9.01 -19.44
C GLU A 351 13.05 8.42 -18.30
N LYS A 352 12.58 7.19 -18.52
CA LYS A 352 11.60 6.59 -17.65
C LYS A 352 12.21 6.22 -16.31
N GLY A 353 11.58 6.68 -15.22
CA GLY A 353 12.00 6.25 -13.91
C GLY A 353 13.35 6.78 -13.48
N LYS A 354 13.84 7.87 -14.09
CA LYS A 354 15.14 8.44 -13.76
C LYS A 354 15.05 9.68 -12.89
N GLY A 355 13.85 10.17 -12.58
CA GLY A 355 13.67 11.38 -11.80
C GLY A 355 13.49 11.11 -10.33
N LYS A 356 13.03 12.14 -9.62
CA LYS A 356 12.96 12.12 -8.17
C LYS A 356 11.65 12.73 -7.73
N ASP A 357 10.87 11.96 -6.97
CA ASP A 357 9.70 12.45 -6.26
C ASP A 357 10.08 12.73 -4.80
N ALA A 358 9.14 13.35 -4.08
CA ALA A 358 9.40 13.84 -2.72
C ALA A 358 8.12 13.74 -1.90
N PRO A 359 7.70 12.52 -1.57
CA PRO A 359 6.30 12.30 -1.17
C PRO A 359 6.01 12.36 0.31
N PHE A 360 7.01 12.40 1.18
CA PHE A 360 6.77 12.18 2.60
C PHE A 360 6.89 13.49 3.37
N VAL A 361 6.76 13.41 4.70
CA VAL A 361 6.97 14.59 5.54
C VAL A 361 8.42 14.69 6.00
N PHE A 362 9.26 13.72 5.65
CA PHE A 362 10.67 13.74 5.99
C PHE A 362 11.50 13.74 4.71
N GLY A 363 12.47 14.67 4.63
CA GLY A 363 13.33 14.80 3.47
C GLY A 363 14.42 13.74 3.42
N PRO A 364 15.17 13.73 2.31
CA PRO A 364 16.15 12.65 2.07
C PRO A 364 17.38 12.74 2.96
N ASP A 365 17.60 13.88 3.63
CA ASP A 365 18.62 13.98 4.66
C ASP A 365 18.04 13.79 6.05
N TYR A 366 16.81 13.24 6.14
CA TYR A 366 16.14 12.91 7.39
C TYR A 366 15.88 14.16 8.23
N LYS A 367 15.61 15.28 7.57
CA LYS A 367 15.19 16.50 8.22
C LYS A 367 13.74 16.77 7.88
N VAL A 368 13.03 17.48 8.78
CA VAL A 368 11.59 17.61 8.62
C VAL A 368 11.25 18.60 7.52
N LYS A 369 10.22 18.28 6.75
CA LYS A 369 9.76 19.12 5.65
C LYS A 369 8.64 20.03 6.13
N PRO A 370 8.27 21.04 5.34
CA PRO A 370 7.09 21.83 5.72
C PRO A 370 5.87 20.95 5.96
N ALA A 371 5.71 19.87 5.17
CA ALA A 371 4.60 18.94 5.36
C ALA A 371 4.58 18.37 6.77
N TYR A 372 5.75 18.10 7.35
CA TYR A 372 5.79 17.64 8.73
C TYR A 372 5.18 18.66 9.67
N TRP A 373 5.63 19.92 9.59
CA TRP A 373 5.06 20.93 10.49
C TRP A 373 3.57 21.07 10.26
N ALA A 374 3.13 20.92 9.02
CA ALA A 374 1.70 21.03 8.74
C ALA A 374 0.87 19.94 9.41
N ILE A 375 1.45 18.79 9.76
CA ILE A 375 0.65 17.73 10.37
C ILE A 375 1.02 17.48 11.83
N ILE A 376 2.10 18.07 12.33
CA ILE A 376 2.43 17.89 13.73
C ILE A 376 1.69 18.89 14.61
N ASP A 377 1.18 19.98 14.04
CA ASP A 377 0.51 21.00 14.83
C ASP A 377 -0.95 20.61 15.07
N HIS A 378 -1.72 21.53 15.66
CA HIS A 378 -3.12 21.32 15.96
C HIS A 378 -3.95 22.42 15.34
N LYS A 379 -3.53 22.87 14.16
CA LYS A 379 -4.23 23.89 13.42
C LYS A 379 -4.56 23.31 12.07
C1 A1ID6 B . 0.87 -0.42 -4.04
C2 A1ID6 B . 1.13 -1.91 -3.88
C3 A1ID6 B . 2.52 -2.09 -3.30
C4 A1ID6 B . 3.53 -1.45 -4.24
C5 A1ID6 B . 3.20 0.04 -4.31
O2 A1ID6 B . 0.19 -2.49 -2.98
O3 A1ID6 B . 2.80 -3.48 -3.12
O4 A1ID6 B . 4.84 -1.63 -3.72
O5 A1ID6 B . 1.87 0.18 -4.86
F1 A1ID6 B . 0.90 0.19 -2.80
C1 XYP B . 5.83 -1.53 -4.71
C2 XYP B . 7.17 -1.50 -3.98
C3 XYP B . 8.28 -1.51 -5.02
C4 XYP B . 8.10 -2.74 -5.93
C5 XYP B . 6.72 -2.72 -6.55
O2 XYP B . 7.33 -0.32 -3.18
O3 XYP B . 9.52 -1.51 -4.30
O4 XYP B . 9.07 -2.68 -6.98
O5 XYP B . 5.73 -2.70 -5.53
C1 A1ID6 C . -3.78 6.08 -11.66
C2 A1ID6 C . -3.03 6.50 -10.40
C3 A1ID6 C . -1.79 5.66 -10.15
C4 A1ID6 C . -2.09 4.18 -10.29
C5 A1ID6 C . -2.67 3.94 -11.68
O2 A1ID6 C . -2.63 7.88 -10.52
O3 A1ID6 C . -1.28 5.90 -8.83
O4 A1ID6 C . -0.89 3.44 -10.12
O5 A1ID6 C . -3.90 4.66 -11.77
F1 A1ID6 C . -3.06 6.49 -12.75
C1 XYP C . -1.07 2.21 -9.44
C2 XYP C . -0.37 1.11 -10.24
C3 XYP C . -0.38 -0.19 -9.47
C4 XYP C . 0.19 0.04 -8.08
C5 XYP C . -0.57 1.15 -7.37
O2 XYP C . -1.02 0.92 -11.50
O3 XYP C . 0.44 -1.15 -10.13
O4 XYP C . 0.06 -1.19 -7.37
O5 XYP C . -0.47 2.34 -8.15
ZN ZN D . 11.41 0.44 -1.91
ZN ZN E . 21.24 16.16 -5.54
ZN ZN F . -9.09 5.79 14.99
ZN ZN G . 6.36 5.58 19.46
ZN ZN H . -7.81 12.98 20.17
ZN ZN I . -2.22 21.09 10.60
CL CL J . 10.98 1.06 -3.93
CL CL K . -6.40 13.59 21.79
#